data_4O30
#
_entry.id   4O30
#
_cell.length_a   101.170
_cell.length_b   87.310
_cell.length_c   74.510
_cell.angle_alpha   90.00
_cell.angle_beta   127.78
_cell.angle_gamma   90.00
#
_symmetry.space_group_name_H-M   'C 1 2 1'
#
loop_
_entity.id
_entity.type
_entity.pdbx_description
1 polymer 'Histone-lysine N-methyltransferase ATXR6, putative'
2 polymer 'histone H3.1'
3 non-polymer S-ADENOSYL-L-HOMOCYSTEINE
4 non-polymer 'DIMETHYL SULFOXIDE'
5 non-polymer BETA-MERCAPTOETHANOL
6 water water
#
loop_
_entity_poly.entity_id
_entity_poly.type
_entity_poly.pdbx_seq_one_letter_code
_entity_poly.pdbx_strand_id
1 'polypeptide(L)'
;GAMGSRRRSGSLVYQKRRRRLLPFVSSEDPAQRLKQMGTLASALTELQMEFSDDLTYSSGMAPRSANQARFEEGGMQVLT
KEDIETLEQCRAMCKRGDCPPLLVVFDSREGFTVEADGQIKDMTFIAEYTGDVDYIRNREHDDCDSMMTLLLAKDPSKSL
VICPDKRGNIARFISGINNHTLDGKKKQNCKCVRYSVNGECRVFLVATRDIAKGERLYYDYNGYEHEYPTQHFV
;
A,B
2 'polypeptide(L)' KQLATKAARKSAPATGGVK C,D
#
loop_
_chem_comp.id
_chem_comp.type
_chem_comp.name
_chem_comp.formula
BME non-polymer BETA-MERCAPTOETHANOL 'C2 H6 O S'
DMS non-polymer 'DIMETHYL SULFOXIDE' 'C2 H6 O S'
#
# COMPACT_ATOMS: atom_id res chain seq x y z
N ARG A 18 23.46 32.95 13.49
CA ARG A 18 23.56 31.97 12.42
C ARG A 18 22.75 30.71 12.74
N ARG A 19 21.52 30.67 12.22
CA ARG A 19 20.64 29.54 12.45
C ARG A 19 21.17 28.28 11.77
N ARG A 20 21.54 27.28 12.58
CA ARG A 20 22.05 26.03 12.05
C ARG A 20 20.94 24.98 11.97
N LEU A 21 20.93 24.18 10.88
CA LEU A 21 20.03 23.05 10.71
C LEU A 21 20.43 21.99 11.75
N LEU A 22 19.44 21.36 12.40
CA LEU A 22 19.75 20.34 13.41
C LEU A 22 19.36 18.94 12.94
N PRO A 23 20.18 17.90 13.26
CA PRO A 23 19.76 16.54 12.90
C PRO A 23 18.62 16.10 13.81
N PHE A 24 17.74 15.26 13.31
CA PHE A 24 16.63 14.75 14.10
C PHE A 24 17.16 13.72 15.08
N VAL A 25 16.38 13.45 16.13
CA VAL A 25 16.71 12.47 17.15
C VAL A 25 15.70 11.34 16.91
N SER A 26 16.20 10.18 16.43
CA SER A 26 15.33 9.03 16.16
CA SER A 26 15.35 9.01 16.16
C SER A 26 14.82 8.42 17.49
N SER A 27 13.65 7.75 17.45
CA SER A 27 13.04 7.10 18.63
C SER A 27 14.02 6.06 19.12
N GLU A 28 14.25 6.02 20.42
CA GLU A 28 15.24 5.13 21.01
C GLU A 28 14.89 3.64 20.94
N ASP A 29 13.62 3.32 21.08
CA ASP A 29 13.12 1.96 21.04
C ASP A 29 13.10 1.47 19.56
N PRO A 30 13.88 0.42 19.18
CA PRO A 30 13.86 -0.06 17.77
C PRO A 30 12.47 -0.44 17.30
N ALA A 31 11.62 -0.95 18.22
CA ALA A 31 10.22 -1.31 17.96
C ALA A 31 9.41 -0.07 17.58
N GLN A 32 9.73 1.11 18.16
CA GLN A 32 9.01 2.33 17.84
C GLN A 32 9.39 2.79 16.43
N ARG A 33 10.66 2.60 16.05
CA ARG A 33 11.16 2.96 14.72
C ARG A 33 10.54 2.07 13.64
N LEU A 34 10.41 0.76 13.92
CA LEU A 34 9.81 -0.24 13.02
C LEU A 34 8.31 0.10 12.78
N LYS A 35 7.57 0.43 13.86
CA LYS A 35 6.18 0.84 13.86
C LYS A 35 5.99 2.13 13.01
N GLN A 36 6.89 3.13 13.21
CA GLN A 36 6.87 4.40 12.47
C GLN A 36 7.02 4.15 10.97
N MET A 37 8.05 3.36 10.61
CA MET A 37 8.36 2.94 9.24
C MET A 37 7.24 2.14 8.61
N GLY A 38 6.54 1.34 9.42
CA GLY A 38 5.36 0.57 9.01
C GLY A 38 4.18 1.44 8.61
N THR A 39 3.94 2.56 9.35
CA THR A 39 2.81 3.48 9.03
C THR A 39 3.06 4.17 7.71
N LEU A 40 4.36 4.46 7.40
CA LEU A 40 4.72 5.07 6.13
C LEU A 40 4.56 4.05 5.00
N ALA A 41 5.05 2.81 5.18
CA ALA A 41 4.87 1.74 4.20
C ALA A 41 3.38 1.46 3.97
N SER A 42 2.53 1.51 5.04
CA SER A 42 1.09 1.29 4.90
C SER A 42 0.43 2.36 4.01
N ALA A 43 0.80 3.64 4.22
CA ALA A 43 0.26 4.77 3.45
C ALA A 43 0.71 4.74 2.00
N LEU A 44 1.99 4.35 1.74
CA LEU A 44 2.55 4.22 0.39
C LEU A 44 1.82 3.16 -0.41
N THR A 45 1.53 2.01 0.25
CA THR A 45 0.79 0.88 -0.30
C THR A 45 -0.65 1.32 -0.63
N GLU A 46 -1.29 2.11 0.26
CA GLU A 46 -2.64 2.64 0.06
C GLU A 46 -2.72 3.47 -1.24
N LEU A 47 -1.66 4.26 -1.54
CA LEU A 47 -1.57 5.10 -2.74
C LEU A 47 -0.88 4.37 -3.89
N GLN A 48 -0.59 3.06 -3.73
CA GLN A 48 0.12 2.20 -4.71
C GLN A 48 1.44 2.87 -5.16
N MET A 49 2.22 3.32 -4.18
CA MET A 49 3.47 4.03 -4.38
C MET A 49 4.64 3.18 -3.95
N GLU A 50 5.81 3.49 -4.50
CA GLU A 50 7.07 2.88 -4.10
C GLU A 50 7.82 3.90 -3.25
N PHE A 51 8.46 3.47 -2.14
CA PHE A 51 9.25 4.37 -1.30
C PHE A 51 10.44 4.88 -2.12
N SER A 52 10.75 6.18 -1.98
CA SER A 52 11.89 6.80 -2.64
C SER A 52 12.37 7.98 -1.80
N ASP A 53 13.60 7.90 -1.26
CA ASP A 53 14.16 8.97 -0.42
C ASP A 53 15.04 9.91 -1.23
N ASP A 54 14.91 9.88 -2.56
CA ASP A 54 15.66 10.77 -3.41
C ASP A 54 14.80 11.29 -4.55
N LEU A 55 15.28 12.37 -5.19
CA LEU A 55 14.67 12.91 -6.41
C LEU A 55 14.97 11.92 -7.54
N THR A 56 13.95 11.49 -8.29
CA THR A 56 14.09 10.56 -9.41
C THR A 56 13.82 11.24 -10.76
N TYR A 57 14.59 10.87 -11.77
CA TYR A 57 14.52 11.44 -13.12
C TYR A 57 14.15 10.28 -14.05
N SER A 58 12.87 10.22 -14.44
CA SER A 58 12.30 9.15 -15.24
C SER A 58 12.13 9.54 -16.72
N SER A 59 11.91 8.54 -17.60
CA SER A 59 11.72 8.75 -19.03
C SER A 59 10.43 9.50 -19.31
N GLY A 60 10.48 10.35 -20.32
CA GLY A 60 9.36 11.18 -20.71
C GLY A 60 9.09 12.31 -19.76
N MET A 61 10.00 12.52 -18.77
CA MET A 61 9.91 13.58 -17.75
C MET A 61 11.14 14.50 -17.83
N ALA A 62 11.56 15.14 -16.72
CA ALA A 62 12.74 16.01 -16.78
C ALA A 62 14.05 15.24 -16.58
N PRO A 63 15.11 15.48 -17.40
CA PRO A 63 16.40 14.84 -17.11
C PRO A 63 17.07 15.54 -15.92
N ARG A 64 18.05 14.88 -15.27
CA ARG A 64 18.80 15.43 -14.15
C ARG A 64 19.54 16.72 -14.54
N SER A 65 19.86 16.89 -15.83
CA SER A 65 20.54 18.05 -16.40
C SER A 65 19.68 19.32 -16.33
N ALA A 66 18.33 19.17 -16.38
CA ALA A 66 17.38 20.28 -16.27
C ALA A 66 17.38 20.84 -14.83
N ASN A 67 17.77 20.03 -13.84
CA ASN A 67 17.79 20.47 -12.45
C ASN A 67 19.07 21.25 -12.04
N GLN A 68 19.10 22.54 -12.41
CA GLN A 68 20.22 23.42 -12.11
C GLN A 68 19.71 24.68 -11.41
N ALA A 69 20.14 24.89 -10.15
CA ALA A 69 19.70 26.04 -9.37
C ALA A 69 19.98 27.42 -9.97
N ARG A 70 20.98 27.54 -10.87
CA ARG A 70 21.32 28.79 -11.56
C ARG A 70 20.18 29.27 -12.49
N PHE A 71 19.25 28.36 -12.86
CA PHE A 71 18.07 28.67 -13.66
C PHE A 71 16.96 29.36 -12.84
N GLU A 72 17.03 29.32 -11.47
CA GLU A 72 16.02 29.93 -10.59
C GLU A 72 15.97 31.44 -10.75
N GLU A 73 14.82 31.97 -11.19
CA GLU A 73 14.65 33.41 -11.37
C GLU A 73 14.88 34.16 -10.05
N GLY A 74 15.89 35.01 -10.03
CA GLY A 74 16.28 35.74 -8.82
C GLY A 74 17.22 34.96 -7.93
N GLY A 75 17.74 33.84 -8.44
CA GLY A 75 18.68 32.99 -7.73
C GLY A 75 18.12 32.17 -6.58
N MET A 76 18.92 31.22 -6.10
CA MET A 76 18.54 30.35 -5.00
C MET A 76 19.63 30.39 -3.96
N GLN A 77 19.23 30.43 -2.68
CA GLN A 77 20.15 30.34 -1.53
C GLN A 77 20.92 29.01 -1.58
N VAL A 78 22.21 29.05 -1.20
CA VAL A 78 23.05 27.85 -1.24
C VAL A 78 23.16 27.18 0.13
N LEU A 79 23.04 25.84 0.17
CA LEU A 79 23.19 25.13 1.43
C LEU A 79 24.67 25.16 1.81
N THR A 80 24.96 25.62 3.05
CA THR A 80 26.34 25.71 3.55
C THR A 80 26.93 24.31 3.76
N LYS A 81 28.29 24.24 3.83
CA LYS A 81 29.01 22.98 4.04
C LYS A 81 28.56 22.33 5.36
N GLU A 82 28.37 23.16 6.40
CA GLU A 82 27.91 22.79 7.75
C GLU A 82 26.52 22.14 7.67
N ASP A 83 25.58 22.75 6.90
CA ASP A 83 24.22 22.24 6.73
C ASP A 83 24.12 21.04 5.78
N ILE A 84 25.05 20.93 4.82
CA ILE A 84 25.15 19.78 3.89
C ILE A 84 25.56 18.56 4.72
N GLU A 85 26.52 18.74 5.65
CA GLU A 85 27.00 17.71 6.57
C GLU A 85 25.84 17.14 7.40
N THR A 86 25.00 18.04 7.96
CA THR A 86 23.80 17.66 8.73
C THR A 86 22.83 16.88 7.83
N LEU A 87 22.59 17.39 6.60
CA LEU A 87 21.72 16.74 5.61
C LEU A 87 22.26 15.31 5.31
N GLU A 88 23.60 15.17 5.09
CA GLU A 88 24.24 13.87 4.82
C GLU A 88 24.10 12.92 6.00
N GLN A 89 24.24 13.46 7.25
CA GLN A 89 24.06 12.70 8.49
C GLN A 89 22.64 12.11 8.52
N CYS A 90 21.58 12.96 8.39
CA CYS A 90 20.17 12.55 8.34
C CYS A 90 19.88 11.50 7.27
N ARG A 91 20.39 11.69 6.04
CA ARG A 91 20.28 10.72 4.93
C ARG A 91 20.90 9.39 5.31
N ALA A 92 22.11 9.40 5.93
CA ALA A 92 22.80 8.18 6.36
C ALA A 92 22.05 7.52 7.50
N MET A 93 21.45 8.32 8.41
CA MET A 93 20.63 7.80 9.51
C MET A 93 19.42 7.02 8.95
N CYS A 94 18.70 7.60 7.97
CA CYS A 94 17.55 6.96 7.32
C CYS A 94 17.89 5.66 6.62
N LYS A 95 19.11 5.57 6.06
CA LYS A 95 19.63 4.38 5.37
C LYS A 95 19.74 3.18 6.32
N ARG A 96 20.23 3.37 7.56
CA ARG A 96 20.39 2.30 8.56
C ARG A 96 19.12 1.95 9.37
N GLY A 97 18.03 2.69 9.18
CA GLY A 97 16.79 2.47 9.89
C GLY A 97 16.45 3.50 10.96
N ASP A 98 17.28 4.55 11.09
CA ASP A 98 17.08 5.66 12.03
C ASP A 98 16.32 6.79 11.35
N CYS A 99 15.02 6.56 11.13
CA CYS A 99 14.07 7.50 10.52
C CYS A 99 13.76 8.65 11.49
N PRO A 100 13.30 9.84 11.03
CA PRO A 100 12.86 10.87 12.01
C PRO A 100 11.63 10.37 12.81
N PRO A 101 11.36 10.83 14.08
CA PRO A 101 10.24 10.24 14.84
C PRO A 101 8.89 10.74 14.34
N LEU A 102 8.39 10.10 13.27
CA LEU A 102 7.16 10.53 12.61
C LEU A 102 6.22 9.39 12.38
N LEU A 103 4.93 9.67 12.48
CA LEU A 103 3.89 8.68 12.26
C LEU A 103 2.97 9.19 11.14
N VAL A 104 2.65 8.32 10.18
CA VAL A 104 1.67 8.65 9.15
C VAL A 104 0.34 8.12 9.74
N VAL A 105 -0.64 9.01 9.94
CA VAL A 105 -1.92 8.68 10.57
C VAL A 105 -3.07 9.15 9.67
N PHE A 106 -4.06 8.26 9.45
CA PHE A 106 -5.23 8.65 8.68
C PHE A 106 -6.18 9.46 9.57
N ASP A 107 -6.65 10.60 9.06
CA ASP A 107 -7.62 11.48 9.72
C ASP A 107 -8.79 11.61 8.74
N SER A 108 -10.04 11.53 9.23
CA SER A 108 -11.22 11.59 8.35
C SER A 108 -11.44 12.91 7.66
N ARG A 109 -10.92 14.01 8.22
CA ARG A 109 -11.08 15.35 7.67
C ARG A 109 -9.89 15.82 6.86
N GLU A 110 -8.71 15.17 7.04
CA GLU A 110 -7.51 15.59 6.30
C GLU A 110 -6.94 14.51 5.38
N GLY A 111 -7.36 13.25 5.57
CA GLY A 111 -6.78 12.11 4.87
C GLY A 111 -5.54 11.69 5.63
N PHE A 112 -4.48 11.23 4.94
CA PHE A 112 -3.20 10.90 5.62
C PHE A 112 -2.53 12.18 6.13
N THR A 113 -2.01 12.12 7.34
CA THR A 113 -1.36 13.26 8.02
C THR A 113 -0.09 12.71 8.65
N VAL A 114 0.79 13.61 9.07
CA VAL A 114 2.05 13.23 9.71
C VAL A 114 2.11 13.90 11.08
N GLU A 115 2.35 13.11 12.11
CA GLU A 115 2.50 13.61 13.45
C GLU A 115 3.83 13.21 14.05
N ALA A 116 4.30 14.04 14.97
CA ALA A 116 5.53 13.77 15.68
C ALA A 116 5.26 12.59 16.62
N ASP A 117 6.14 11.57 16.59
CA ASP A 117 6.06 10.40 17.49
C ASP A 117 7.17 10.48 18.56
N GLY A 118 7.74 11.66 18.68
CA GLY A 118 8.77 12.04 19.64
C GLY A 118 9.01 13.53 19.49
N GLN A 119 9.77 14.14 20.42
CA GLN A 119 10.12 15.56 20.32
C GLN A 119 10.95 15.87 19.08
N ILE A 120 10.65 17.01 18.43
CA ILE A 120 11.39 17.57 17.29
C ILE A 120 11.68 19.03 17.67
N LYS A 121 12.97 19.37 17.92
CA LYS A 121 13.35 20.73 18.32
C LYS A 121 13.21 21.68 17.18
N ASP A 122 13.09 22.97 17.48
CA ASP A 122 13.12 24.05 16.49
C ASP A 122 14.41 23.90 15.67
N MET A 123 14.36 24.16 14.33
CA MET A 123 15.48 24.08 13.38
C MET A 123 15.90 22.65 13.00
N THR A 124 15.09 21.68 13.37
CA THR A 124 15.40 20.28 13.07
C THR A 124 14.96 19.93 11.66
N PHE A 125 15.87 19.24 10.91
CA PHE A 125 15.61 18.71 9.59
C PHE A 125 14.58 17.59 9.74
N ILE A 126 13.48 17.66 8.97
CA ILE A 126 12.41 16.68 9.00
C ILE A 126 12.54 15.70 7.83
N ALA A 127 12.57 16.24 6.60
CA ALA A 127 12.66 15.43 5.39
C ALA A 127 12.88 16.29 4.17
N GLU A 128 13.32 15.64 3.12
CA GLU A 128 13.45 16.17 1.78
C GLU A 128 12.15 15.81 1.07
N TYR A 129 11.63 16.72 0.24
CA TYR A 129 10.45 16.43 -0.54
C TYR A 129 10.91 15.69 -1.79
N THR A 130 10.61 14.39 -1.87
CA THR A 130 11.05 13.56 -3.00
C THR A 130 9.89 13.12 -3.88
N GLY A 131 10.24 12.55 -5.02
CA GLY A 131 9.30 12.11 -6.05
C GLY A 131 9.96 12.34 -7.39
N ASP A 132 9.21 12.12 -8.46
CA ASP A 132 9.70 12.25 -9.81
C ASP A 132 9.77 13.71 -10.19
N VAL A 133 10.91 14.13 -10.77
CA VAL A 133 11.02 15.49 -11.25
C VAL A 133 10.56 15.62 -12.70
N ASP A 134 9.64 16.56 -12.94
CA ASP A 134 9.07 16.75 -14.26
C ASP A 134 8.97 18.22 -14.57
N TYR A 135 8.81 18.55 -15.85
CA TYR A 135 8.63 19.92 -16.27
C TYR A 135 7.22 20.35 -15.88
N ILE A 136 7.04 21.59 -15.38
CA ILE A 136 5.72 22.16 -15.05
C ILE A 136 4.80 22.09 -16.29
N ARG A 137 5.37 22.37 -17.48
CA ARG A 137 4.69 22.30 -18.80
C ARG A 137 4.01 20.93 -19.05
N ASN A 138 4.57 19.83 -18.46
CA ASN A 138 4.07 18.46 -18.63
C ASN A 138 2.98 18.10 -17.63
N ARG A 139 2.76 18.96 -16.63
CA ARG A 139 1.80 18.63 -15.58
C ARG A 139 0.66 19.63 -15.38
N GLU A 140 0.46 20.54 -16.38
CA GLU A 140 -0.59 21.58 -16.34
C GLU A 140 -1.99 21.00 -16.09
N HIS A 141 -2.27 19.81 -16.67
CA HIS A 141 -3.52 19.05 -16.54
C HIS A 141 -3.52 18.04 -15.38
N ASP A 142 -2.35 17.81 -14.72
CA ASP A 142 -2.23 16.82 -13.66
C ASP A 142 -3.09 17.05 -12.42
N ASP A 143 -3.80 15.97 -12.02
CA ASP A 143 -4.73 15.86 -10.88
C ASP A 143 -4.02 15.55 -9.55
N CYS A 144 -2.72 15.14 -9.57
CA CYS A 144 -1.94 14.86 -8.34
C CYS A 144 -2.10 15.99 -7.32
N ASP A 145 -2.53 15.62 -6.10
CA ASP A 145 -2.75 16.56 -4.99
C ASP A 145 -1.45 16.91 -4.25
N SER A 146 -0.30 16.29 -4.66
CA SER A 146 0.97 16.49 -3.93
C SER A 146 2.17 17.01 -4.73
N MET A 147 1.94 17.78 -5.78
CA MET A 147 2.98 18.40 -6.60
C MET A 147 3.65 19.55 -5.82
N MET A 148 4.99 19.63 -5.88
CA MET A 148 5.78 20.61 -5.16
C MET A 148 6.76 21.29 -6.11
N THR A 149 6.74 22.64 -6.17
CA THR A 149 7.65 23.36 -7.07
C THR A 149 9.12 23.02 -6.75
N LEU A 150 9.91 22.76 -7.78
CA LEU A 150 11.34 22.47 -7.58
C LEU A 150 12.18 23.64 -8.07
N LEU A 151 11.92 24.11 -9.30
CA LEU A 151 12.64 25.17 -9.99
C LEU A 151 11.65 26.08 -10.74
N LEU A 152 11.74 27.40 -10.51
CA LEU A 152 10.96 28.43 -11.18
C LEU A 152 11.91 29.26 -11.99
N ALA A 153 11.90 29.02 -13.30
CA ALA A 153 12.80 29.63 -14.26
C ALA A 153 12.13 30.78 -14.99
N LYS A 154 12.92 31.72 -15.55
CA LYS A 154 12.37 32.84 -16.34
C LYS A 154 11.58 32.31 -17.54
N ASP A 155 12.10 31.27 -18.22
CA ASP A 155 11.39 30.62 -19.32
C ASP A 155 10.54 29.50 -18.64
N PRO A 156 9.18 29.61 -18.66
CA PRO A 156 8.33 28.59 -18.00
C PRO A 156 8.49 27.14 -18.46
N SER A 157 8.98 26.93 -19.69
CA SER A 157 9.22 25.58 -20.22
C SER A 157 10.47 24.92 -19.59
N LYS A 158 11.21 25.65 -18.72
CA LYS A 158 12.37 25.13 -17.99
C LYS A 158 12.02 24.83 -16.49
N SER A 159 10.87 25.33 -16.00
CA SER A 159 10.42 25.16 -14.62
C SER A 159 10.07 23.70 -14.32
N LEU A 160 10.44 23.27 -13.11
CA LEU A 160 10.30 21.88 -12.67
C LEU A 160 9.43 21.73 -11.46
N VAL A 161 8.77 20.57 -11.38
CA VAL A 161 7.90 20.22 -10.28
C VAL A 161 8.23 18.80 -9.81
N ILE A 162 8.16 18.54 -8.49
CA ILE A 162 8.38 17.21 -7.93
C ILE A 162 7.00 16.57 -7.92
N CYS A 163 6.89 15.34 -8.46
CA CYS A 163 5.63 14.63 -8.56
C CYS A 163 5.71 13.29 -7.79
N PRO A 164 5.24 13.25 -6.54
CA PRO A 164 5.33 11.99 -5.77
C PRO A 164 4.09 11.08 -5.97
N ASP A 165 3.64 10.91 -7.22
CA ASP A 165 2.46 10.09 -7.53
C ASP A 165 2.77 8.59 -7.62
N LYS A 166 3.94 8.26 -8.13
CA LYS A 166 4.39 6.86 -8.26
C LYS A 166 5.45 6.52 -7.23
N ARG A 167 6.34 7.49 -6.93
CA ARG A 167 7.50 7.31 -6.03
C ARG A 167 7.58 8.49 -5.07
N GLY A 168 7.87 8.24 -3.80
CA GLY A 168 8.01 9.34 -2.84
C GLY A 168 8.28 8.91 -1.43
N ASN A 169 8.30 9.88 -0.52
CA ASN A 169 8.59 9.62 0.89
C ASN A 169 7.52 10.22 1.81
N ILE A 170 7.84 10.38 3.11
CA ILE A 170 6.92 10.93 4.11
C ILE A 170 6.46 12.37 3.81
N ALA A 171 7.31 13.19 3.15
CA ALA A 171 7.04 14.61 2.91
C ALA A 171 5.70 14.88 2.19
N ARG A 172 5.32 13.99 1.24
CA ARG A 172 4.07 14.12 0.50
C ARG A 172 2.84 13.98 1.36
N PHE A 173 2.98 13.45 2.60
CA PHE A 173 1.83 13.25 3.47
C PHE A 173 1.61 14.36 4.49
N ILE A 174 2.57 15.31 4.59
CA ILE A 174 2.49 16.42 5.56
C ILE A 174 1.41 17.43 5.12
N SER A 175 0.55 17.84 6.09
CA SER A 175 -0.60 18.74 5.91
C SER A 175 -0.15 20.17 5.73
N GLY A 176 -1.07 20.97 5.20
CA GLY A 176 -0.86 22.40 4.98
C GLY A 176 -1.83 23.20 5.82
N ILE A 177 -1.53 24.47 5.99
CA ILE A 177 -2.39 25.37 6.75
C ILE A 177 -3.50 25.92 5.84
N ASN A 178 -4.60 26.33 6.43
CA ASN A 178 -5.62 27.02 5.68
C ASN A 178 -5.09 28.48 5.62
N ASN A 179 -4.82 29.01 4.41
CA ASN A 179 -4.31 30.38 4.23
C ASN A 179 -5.39 31.46 4.29
N HIS A 180 -6.68 31.07 4.49
CA HIS A 180 -7.78 32.04 4.47
C HIS A 180 -8.36 32.38 5.82
N THR A 181 -8.09 31.60 6.85
CA THR A 181 -8.74 31.87 8.14
C THR A 181 -7.92 32.79 9.04
N LEU A 182 -8.59 33.52 9.95
CA LEU A 182 -7.90 34.44 10.84
C LEU A 182 -6.89 33.73 11.77
N ASP A 183 -7.22 32.50 12.22
CA ASP A 183 -6.36 31.74 13.14
C ASP A 183 -5.58 30.57 12.53
N GLY A 184 -5.74 30.30 11.23
CA GLY A 184 -5.08 29.16 10.57
C GLY A 184 -3.56 29.14 10.52
N LYS A 185 -2.94 30.34 10.50
CA LYS A 185 -1.48 30.48 10.51
C LYS A 185 -0.89 29.92 11.83
N LYS A 186 -1.70 29.88 12.91
CA LYS A 186 -1.28 29.41 14.25
C LYS A 186 -0.89 27.95 14.29
N LYS A 187 -1.38 27.14 13.32
CA LYS A 187 -1.10 25.70 13.18
C LYS A 187 0.30 25.41 12.62
N GLN A 188 0.91 26.37 11.90
CA GLN A 188 2.24 26.17 11.32
C GLN A 188 3.38 25.93 12.33
N ASN A 189 3.99 24.75 12.26
CA ASN A 189 5.11 24.38 13.14
C ASN A 189 6.34 23.92 12.32
N CYS A 190 6.24 24.00 10.99
CA CYS A 190 7.38 23.69 10.12
C CYS A 190 7.33 24.47 8.82
N LYS A 191 8.43 24.47 8.06
CA LYS A 191 8.55 25.26 6.85
C LYS A 191 9.25 24.48 5.77
N CYS A 192 8.78 24.70 4.54
CA CYS A 192 9.39 24.11 3.38
C CYS A 192 10.28 25.17 2.70
N VAL A 193 11.52 24.78 2.40
CA VAL A 193 12.52 25.67 1.80
C VAL A 193 13.22 25.00 0.64
N ARG A 194 13.69 25.82 -0.31
CA ARG A 194 14.46 25.36 -1.45
C ARG A 194 15.88 25.91 -1.40
N TYR A 195 16.86 25.00 -1.45
CA TYR A 195 18.30 25.27 -1.40
C TYR A 195 19.05 24.65 -2.56
N SER A 196 20.14 25.31 -2.95
CA SER A 196 21.02 24.78 -3.96
C SER A 196 22.07 23.89 -3.22
N VAL A 197 22.18 22.63 -3.68
CA VAL A 197 23.09 21.62 -3.16
C VAL A 197 23.79 21.06 -4.40
N ASN A 198 25.10 21.32 -4.51
CA ASN A 198 25.95 20.94 -5.64
C ASN A 198 25.40 21.49 -6.97
N GLY A 199 24.91 22.72 -6.92
CA GLY A 199 24.32 23.42 -8.06
C GLY A 199 22.94 22.94 -8.48
N GLU A 200 22.31 22.02 -7.72
CA GLU A 200 20.96 21.54 -8.05
C GLU A 200 19.92 22.03 -7.07
N CYS A 201 18.64 22.15 -7.50
CA CYS A 201 17.55 22.56 -6.58
C CYS A 201 17.18 21.38 -5.70
N ARG A 202 16.88 21.64 -4.43
CA ARG A 202 16.47 20.62 -3.46
C ARG A 202 15.43 21.22 -2.56
N VAL A 203 14.44 20.43 -2.18
CA VAL A 203 13.33 20.90 -1.33
C VAL A 203 13.38 20.23 0.02
N PHE A 204 13.43 21.01 1.10
CA PHE A 204 13.50 20.42 2.45
C PHE A 204 12.46 20.96 3.42
N LEU A 205 12.15 20.18 4.44
CA LEU A 205 11.22 20.53 5.51
C LEU A 205 11.98 20.64 6.80
N VAL A 206 11.77 21.78 7.48
CA VAL A 206 12.48 22.08 8.72
C VAL A 206 11.48 22.51 9.79
N ALA A 207 11.68 22.11 11.07
CA ALA A 207 10.81 22.53 12.17
C ALA A 207 11.06 24.03 12.47
N THR A 208 9.97 24.80 12.66
CA THR A 208 10.07 26.23 12.95
C THR A 208 9.88 26.59 14.40
N ARG A 209 9.54 25.57 15.21
CA ARG A 209 9.40 25.68 16.66
CA ARG A 209 9.38 25.67 16.66
C ARG A 209 9.52 24.28 17.26
N ASP A 210 9.59 24.16 18.60
CA ASP A 210 9.67 22.84 19.24
C ASP A 210 8.31 22.18 19.08
N ILE A 211 8.32 20.94 18.58
CA ILE A 211 7.13 20.11 18.32
C ILE A 211 7.11 18.95 19.35
N ALA A 212 5.99 18.81 20.07
CA ALA A 212 5.77 17.78 21.08
C ALA A 212 5.27 16.47 20.39
N LYS A 213 5.48 15.32 21.05
CA LYS A 213 5.00 14.02 20.59
C LYS A 213 3.46 14.10 20.44
N GLY A 214 2.93 13.61 19.32
CA GLY A 214 1.49 13.62 19.07
C GLY A 214 1.01 14.80 18.27
N GLU A 215 1.82 15.85 18.21
CA GLU A 215 1.55 17.09 17.47
C GLU A 215 1.61 16.83 15.96
N ARG A 216 0.54 17.19 15.25
CA ARG A 216 0.45 17.06 13.81
C ARG A 216 1.33 18.15 13.16
N LEU A 217 2.03 17.78 12.08
CA LEU A 217 2.90 18.68 11.33
C LEU A 217 2.06 19.45 10.31
N TYR A 218 2.30 20.78 10.20
CA TYR A 218 1.68 21.67 9.22
C TYR A 218 2.66 22.71 8.75
N TYR A 219 2.74 22.93 7.45
CA TYR A 219 3.55 23.98 6.85
C TYR A 219 2.66 24.73 5.85
N ASP A 220 3.15 25.88 5.34
CA ASP A 220 2.45 26.71 4.39
C ASP A 220 2.69 26.16 2.97
N TYR A 221 1.64 25.55 2.37
CA TYR A 221 1.70 25.01 0.99
C TYR A 221 1.92 26.14 -0.03
N ASN A 222 1.58 27.40 0.33
CA ASN A 222 1.72 28.55 -0.55
C ASN A 222 2.83 29.45 -0.06
N GLY A 223 4.01 28.87 0.08
CA GLY A 223 5.17 29.59 0.60
C GLY A 223 5.90 30.51 -0.35
N TYR A 224 5.52 30.51 -1.64
CA TYR A 224 6.14 31.37 -2.67
C TYR A 224 5.13 31.78 -3.75
N GLU A 225 4.54 30.80 -4.40
CA GLU A 225 3.44 31.03 -5.34
C GLU A 225 2.19 30.80 -4.50
N HIS A 226 1.01 30.97 -5.12
CA HIS A 226 -0.28 30.76 -4.48
C HIS A 226 -1.09 29.84 -5.37
N GLU A 227 -0.48 28.69 -5.70
CA GLU A 227 -1.02 27.69 -6.60
C GLU A 227 -1.72 26.54 -5.91
N TYR A 228 -1.87 26.60 -4.57
CA TYR A 228 -2.56 25.52 -3.86
C TYR A 228 -3.87 26.00 -3.20
N PRO A 229 -5.08 25.53 -3.62
CA PRO A 229 -6.33 25.97 -2.96
C PRO A 229 -6.45 25.42 -1.54
N THR A 230 -6.61 26.31 -0.53
CA THR A 230 -6.63 25.88 0.88
C THR A 230 -7.86 26.30 1.70
N GLN A 231 -8.83 27.00 1.08
CA GLN A 231 -10.03 27.54 1.73
C GLN A 231 -10.80 26.57 2.58
N HIS A 232 -10.84 25.32 2.15
CA HIS A 232 -11.62 24.25 2.78
C HIS A 232 -10.81 23.46 3.82
N PHE A 233 -9.51 23.79 3.99
CA PHE A 233 -8.62 23.11 4.94
C PHE A 233 -9.08 23.25 6.40
N VAL A 234 -8.82 22.21 7.20
CA VAL A 234 -9.19 22.16 8.62
C VAL A 234 -8.08 22.78 9.51
N ARG B 19 -10.73 -0.15 1.23
CA ARG B 19 -11.77 0.57 1.96
C ARG B 19 -13.14 0.30 1.36
N ARG B 20 -13.36 -0.93 0.91
CA ARG B 20 -14.64 -1.31 0.31
C ARG B 20 -14.45 -2.27 -0.86
N LEU B 21 -15.11 -3.42 -0.78
CA LEU B 21 -15.01 -4.44 -1.84
C LEU B 21 -15.59 -3.96 -3.14
N LEU B 22 -14.87 -4.21 -4.21
CA LEU B 22 -15.35 -3.89 -5.55
C LEU B 22 -15.68 -5.16 -6.31
N PRO B 23 -16.77 -5.14 -7.11
CA PRO B 23 -17.07 -6.33 -7.94
C PRO B 23 -16.07 -6.39 -9.10
N PHE B 24 -15.66 -7.61 -9.49
CA PHE B 24 -14.71 -7.77 -10.60
C PHE B 24 -15.36 -7.40 -11.92
N VAL B 25 -14.57 -7.13 -12.94
CA VAL B 25 -15.11 -6.81 -14.28
C VAL B 25 -14.75 -8.04 -15.14
N SER B 26 -15.75 -8.79 -15.57
CA SER B 26 -15.49 -9.98 -16.38
C SER B 26 -15.08 -9.61 -17.81
N SER B 27 -14.32 -10.46 -18.51
CA SER B 27 -13.90 -10.14 -19.87
C SER B 27 -15.14 -9.92 -20.78
N GLU B 28 -15.10 -8.87 -21.59
CA GLU B 28 -16.21 -8.55 -22.49
C GLU B 28 -16.45 -9.56 -23.64
N ASP B 29 -15.39 -10.16 -24.17
CA ASP B 29 -15.53 -11.14 -25.24
C ASP B 29 -16.00 -12.46 -24.63
N PRO B 30 -17.17 -13.03 -25.05
CA PRO B 30 -17.62 -14.31 -24.47
C PRO B 30 -16.63 -15.44 -24.74
N ALA B 31 -15.97 -15.40 -25.94
CA ALA B 31 -14.99 -16.42 -26.30
C ALA B 31 -13.77 -16.33 -25.33
N GLN B 32 -13.47 -15.12 -24.80
CA GLN B 32 -12.38 -14.99 -23.84
C GLN B 32 -12.78 -15.60 -22.49
N ARG B 33 -14.03 -15.37 -22.03
CA ARG B 33 -14.53 -15.96 -20.78
C ARG B 33 -14.52 -17.51 -20.91
N LEU B 34 -14.87 -18.02 -22.10
CA LEU B 34 -14.91 -19.45 -22.44
C LEU B 34 -13.51 -20.07 -22.38
N LYS B 35 -12.52 -19.37 -22.98
CA LYS B 35 -11.11 -19.79 -22.92
C LYS B 35 -10.65 -19.85 -21.44
N GLN B 36 -11.03 -18.85 -20.60
CA GLN B 36 -10.66 -18.75 -19.18
C GLN B 36 -11.17 -19.97 -18.37
N MET B 37 -12.46 -20.24 -18.51
CA MET B 37 -13.18 -21.36 -17.91
C MET B 37 -12.58 -22.69 -18.34
N GLY B 38 -12.14 -22.79 -19.60
CA GLY B 38 -11.50 -23.98 -20.18
C GLY B 38 -10.16 -24.32 -19.53
N THR B 39 -9.30 -23.30 -19.25
CA THR B 39 -8.00 -23.48 -18.59
C THR B 39 -8.22 -24.00 -17.15
N LEU B 40 -9.30 -23.52 -16.51
CA LEU B 40 -9.71 -23.97 -15.18
C LEU B 40 -10.19 -25.44 -15.21
N ALA B 41 -11.11 -25.80 -16.14
CA ALA B 41 -11.61 -27.18 -16.27
C ALA B 41 -10.47 -28.21 -16.53
N SER B 42 -9.47 -27.83 -17.37
CA SER B 42 -8.31 -28.68 -17.71
C SER B 42 -7.44 -28.96 -16.49
N ALA B 43 -7.19 -27.92 -15.69
CA ALA B 43 -6.41 -27.95 -14.46
C ALA B 43 -7.09 -28.83 -13.42
N LEU B 44 -8.41 -28.67 -13.25
CA LEU B 44 -9.22 -29.49 -12.33
C LEU B 44 -9.16 -30.99 -12.69
N THR B 45 -9.33 -31.35 -13.98
CA THR B 45 -9.27 -32.74 -14.50
C THR B 45 -7.89 -33.39 -14.20
N GLU B 46 -6.81 -32.61 -14.37
CA GLU B 46 -5.43 -33.00 -14.10
C GLU B 46 -5.27 -33.35 -12.62
N LEU B 47 -6.03 -32.70 -11.75
CA LEU B 47 -5.99 -32.95 -10.31
C LEU B 47 -7.12 -33.87 -9.85
N GLN B 48 -7.92 -34.41 -10.82
CA GLN B 48 -9.05 -35.33 -10.60
C GLN B 48 -10.08 -34.62 -9.69
N MET B 49 -10.26 -33.34 -9.97
CA MET B 49 -11.16 -32.46 -9.23
C MET B 49 -12.39 -32.11 -10.02
N GLU B 50 -13.47 -31.87 -9.25
CA GLU B 50 -14.75 -31.37 -9.74
C GLU B 50 -14.80 -29.87 -9.43
N PHE B 51 -15.47 -29.08 -10.28
CA PHE B 51 -15.64 -27.67 -10.04
C PHE B 51 -16.68 -27.48 -8.93
N SER B 52 -16.36 -26.60 -7.97
CA SER B 52 -17.26 -26.27 -6.87
C SER B 52 -16.94 -24.83 -6.42
N ASP B 53 -17.90 -23.93 -6.57
CA ASP B 53 -17.75 -22.52 -6.23
C ASP B 53 -18.38 -22.17 -4.89
N ASP B 54 -18.63 -23.18 -4.04
CA ASP B 54 -19.13 -22.97 -2.69
C ASP B 54 -18.43 -23.92 -1.72
N LEU B 55 -18.40 -23.53 -0.44
CA LEU B 55 -17.94 -24.40 0.64
C LEU B 55 -18.95 -25.56 0.70
N THR B 56 -18.47 -26.81 0.74
CA THR B 56 -19.34 -28.00 0.81
C THR B 56 -19.19 -28.69 2.14
N TYR B 57 -20.32 -29.06 2.74
CA TYR B 57 -20.39 -29.70 4.05
C TYR B 57 -21.02 -31.06 3.97
N SER B 58 -20.55 -31.95 4.84
CA SER B 58 -21.09 -33.29 5.00
C SER B 58 -21.06 -33.67 6.47
N SER B 59 -22.12 -34.37 6.93
CA SER B 59 -22.24 -34.87 8.31
C SER B 59 -21.08 -35.84 8.59
N GLY B 60 -20.47 -36.34 7.50
CA GLY B 60 -19.33 -37.24 7.49
C GLY B 60 -17.98 -36.60 7.72
N MET B 61 -17.84 -35.30 7.37
CA MET B 61 -16.62 -34.53 7.62
C MET B 61 -17.02 -33.53 8.72
N ALA B 62 -17.28 -32.26 8.38
CA ALA B 62 -17.77 -31.27 9.34
C ALA B 62 -19.16 -30.74 8.90
N PRO B 63 -20.19 -30.75 9.77
CA PRO B 63 -21.49 -30.22 9.36
C PRO B 63 -21.45 -28.69 9.27
N ARG B 64 -22.37 -28.08 8.50
CA ARG B 64 -22.46 -26.63 8.35
C ARG B 64 -22.57 -25.89 9.70
N SER B 65 -23.25 -26.53 10.66
CA SER B 65 -23.50 -26.09 12.02
C SER B 65 -22.20 -25.90 12.82
N ALA B 66 -21.09 -26.55 12.40
CA ALA B 66 -19.80 -26.40 13.08
C ALA B 66 -19.11 -25.09 12.68
N ASN B 67 -19.47 -24.52 11.51
CA ASN B 67 -18.89 -23.27 11.03
C ASN B 67 -19.57 -22.06 11.66
N GLN B 68 -19.14 -21.71 12.87
CA GLN B 68 -19.67 -20.56 13.60
C GLN B 68 -18.49 -19.68 13.89
N ALA B 69 -18.48 -18.46 13.32
CA ALA B 69 -17.39 -17.47 13.45
C ALA B 69 -17.17 -17.03 14.88
N ARG B 70 -18.20 -17.25 15.70
CA ARG B 70 -18.25 -17.03 17.14
C ARG B 70 -17.10 -17.78 17.83
N PHE B 71 -16.77 -18.97 17.31
CA PHE B 71 -15.71 -19.84 17.81
C PHE B 71 -14.28 -19.39 17.49
N GLU B 72 -14.07 -18.36 16.65
CA GLU B 72 -12.71 -17.89 16.32
C GLU B 72 -12.03 -17.32 17.57
N GLU B 73 -10.84 -17.84 17.93
CA GLU B 73 -10.09 -17.36 19.10
C GLU B 73 -9.76 -15.84 18.89
N GLY B 74 -10.26 -15.00 19.79
CA GLY B 74 -10.07 -13.55 19.69
C GLY B 74 -11.00 -12.84 18.72
N GLY B 75 -11.97 -13.57 18.15
CA GLY B 75 -12.96 -13.00 17.25
C GLY B 75 -12.60 -12.90 15.78
N MET B 76 -13.63 -12.68 14.96
CA MET B 76 -13.53 -12.52 13.52
C MET B 76 -14.28 -11.30 13.06
N GLN B 77 -13.63 -10.46 12.21
CA GLN B 77 -14.21 -9.29 11.55
C GLN B 77 -15.49 -9.71 10.79
N VAL B 78 -16.50 -8.88 10.87
CA VAL B 78 -17.82 -9.10 10.26
C VAL B 78 -17.89 -8.40 8.89
N LEU B 79 -18.25 -9.13 7.82
CA LEU B 79 -18.44 -8.54 6.49
C LEU B 79 -19.67 -7.64 6.55
N THR B 80 -19.53 -6.33 6.15
CA THR B 80 -20.62 -5.36 6.17
C THR B 80 -21.70 -5.71 5.15
N LYS B 81 -22.91 -5.15 5.33
CA LYS B 81 -24.08 -5.32 4.48
C LYS B 81 -23.75 -5.02 3.01
N GLU B 82 -23.09 -3.87 2.74
CA GLU B 82 -22.71 -3.48 1.38
C GLU B 82 -21.68 -4.43 0.77
N ASP B 83 -20.73 -4.95 1.58
CA ASP B 83 -19.73 -5.90 1.10
C ASP B 83 -20.34 -7.26 0.83
N ILE B 84 -21.38 -7.66 1.61
CA ILE B 84 -22.04 -8.94 1.31
C ILE B 84 -22.84 -8.83 0.01
N GLU B 85 -23.44 -7.63 -0.26
CA GLU B 85 -24.12 -7.32 -1.51
C GLU B 85 -23.13 -7.48 -2.70
N THR B 86 -21.88 -6.97 -2.54
CA THR B 86 -20.83 -7.13 -3.57
C THR B 86 -20.50 -8.61 -3.77
N LEU B 87 -20.30 -9.34 -2.65
CA LEU B 87 -20.02 -10.77 -2.61
C LEU B 87 -21.12 -11.55 -3.37
N GLU B 88 -22.38 -11.21 -3.10
CA GLU B 88 -23.53 -11.84 -3.74
C GLU B 88 -23.67 -11.51 -5.24
N GLN B 89 -23.33 -10.26 -5.64
CA GLN B 89 -23.24 -9.84 -7.04
C GLN B 89 -22.18 -10.69 -7.78
N CYS B 90 -21.00 -10.84 -7.18
CA CYS B 90 -19.91 -11.67 -7.75
C CYS B 90 -20.28 -13.13 -7.88
N ARG B 91 -20.98 -13.69 -6.84
CA ARG B 91 -21.47 -15.09 -6.83
C ARG B 91 -22.45 -15.31 -8.00
N ALA B 92 -23.39 -14.38 -8.17
CA ALA B 92 -24.40 -14.44 -9.25
C ALA B 92 -23.76 -14.27 -10.63
N MET B 93 -22.69 -13.44 -10.74
CA MET B 93 -21.96 -13.24 -11.98
C MET B 93 -21.31 -14.56 -12.40
N CYS B 94 -20.61 -15.26 -11.48
CA CYS B 94 -19.97 -16.56 -11.78
C CYS B 94 -20.95 -17.64 -12.18
N LYS B 95 -22.13 -17.68 -11.52
CA LYS B 95 -23.21 -18.63 -11.79
C LYS B 95 -23.76 -18.46 -13.22
N ARG B 96 -23.77 -17.21 -13.69
CA ARG B 96 -24.24 -16.70 -14.99
C ARG B 96 -23.21 -16.97 -16.12
N GLY B 97 -21.94 -17.22 -15.76
CA GLY B 97 -20.86 -17.38 -16.72
C GLY B 97 -19.95 -16.17 -16.83
N ASP B 98 -20.20 -15.12 -16.00
CA ASP B 98 -19.32 -13.94 -15.92
C ASP B 98 -18.27 -14.19 -14.82
N CYS B 99 -17.24 -14.96 -15.19
CA CYS B 99 -16.16 -15.37 -14.30
C CYS B 99 -15.18 -14.23 -14.12
N PRO B 100 -14.43 -14.13 -13.01
CA PRO B 100 -13.40 -13.10 -12.91
C PRO B 100 -12.37 -13.29 -14.05
N PRO B 101 -11.66 -12.23 -14.52
CA PRO B 101 -10.78 -12.40 -15.71
C PRO B 101 -9.45 -13.04 -15.35
N LEU B 102 -9.45 -14.36 -15.21
CA LEU B 102 -8.30 -15.11 -14.77
C LEU B 102 -8.04 -16.32 -15.67
N LEU B 103 -6.78 -16.69 -15.81
CA LEU B 103 -6.38 -17.83 -16.61
C LEU B 103 -5.54 -18.77 -15.74
N VAL B 104 -5.79 -20.09 -15.86
CA VAL B 104 -4.96 -21.08 -15.16
C VAL B 104 -3.86 -21.44 -16.15
N VAL B 105 -2.59 -21.23 -15.75
CA VAL B 105 -1.44 -21.42 -16.63
C VAL B 105 -0.39 -22.31 -15.94
N PHE B 106 0.15 -23.30 -16.68
CA PHE B 106 1.23 -24.16 -16.15
C PHE B 106 2.56 -23.41 -16.23
N ASP B 107 3.34 -23.51 -15.14
CA ASP B 107 4.66 -22.91 -15.04
C ASP B 107 5.62 -23.99 -14.54
N SER B 108 6.79 -24.15 -15.20
CA SER B 108 7.80 -25.15 -14.86
C SER B 108 8.31 -25.07 -13.40
N ARG B 109 8.45 -23.84 -12.87
CA ARG B 109 8.94 -23.63 -11.50
C ARG B 109 7.86 -23.76 -10.44
N GLU B 110 6.60 -23.36 -10.77
CA GLU B 110 5.51 -23.31 -9.79
C GLU B 110 4.34 -24.30 -9.90
N GLY B 111 4.24 -25.02 -11.02
CA GLY B 111 3.09 -25.88 -11.30
C GLY B 111 1.99 -25.01 -11.90
N PHE B 112 0.71 -25.31 -11.62
CA PHE B 112 -0.41 -24.49 -12.10
C PHE B 112 -0.41 -23.15 -11.33
N THR B 113 -0.53 -22.04 -12.05
CA THR B 113 -0.57 -20.69 -11.51
C THR B 113 -1.82 -19.99 -12.08
N VAL B 114 -2.11 -18.79 -11.59
CA VAL B 114 -3.25 -17.99 -11.99
C VAL B 114 -2.76 -16.60 -12.34
N GLU B 115 -3.08 -16.15 -13.54
CA GLU B 115 -2.76 -14.79 -14.00
C GLU B 115 -4.00 -14.02 -14.38
N ALA B 116 -3.97 -12.70 -14.20
CA ALA B 116 -5.06 -11.84 -14.61
C ALA B 116 -5.11 -11.90 -16.15
N ASP B 117 -6.29 -12.11 -16.72
CA ASP B 117 -6.47 -12.12 -18.17
C ASP B 117 -7.20 -10.83 -18.59
N GLY B 118 -7.21 -9.87 -17.68
CA GLY B 118 -7.79 -8.54 -17.84
C GLY B 118 -7.41 -7.71 -16.63
N GLN B 119 -7.73 -6.42 -16.65
CA GLN B 119 -7.40 -5.56 -15.51
C GLN B 119 -8.19 -5.92 -14.25
N ILE B 120 -7.53 -5.92 -13.09
CA ILE B 120 -8.16 -6.19 -11.80
C ILE B 120 -7.75 -5.01 -10.90
N LYS B 121 -8.72 -4.19 -10.50
CA LYS B 121 -8.40 -3.01 -9.67
C LYS B 121 -8.18 -3.41 -8.24
N ASP B 122 -7.46 -2.56 -7.51
CA ASP B 122 -7.24 -2.65 -6.07
C ASP B 122 -8.63 -2.74 -5.36
N MET B 123 -8.80 -3.64 -4.34
CA MET B 123 -10.06 -3.84 -3.60
C MET B 123 -11.10 -4.72 -4.31
N THR B 124 -10.75 -5.24 -5.47
CA THR B 124 -11.61 -6.12 -6.22
C THR B 124 -11.59 -7.51 -5.60
N PHE B 125 -12.79 -8.03 -5.36
CA PHE B 125 -13.06 -9.38 -4.91
C PHE B 125 -12.65 -10.27 -6.07
N ILE B 126 -11.77 -11.26 -5.82
CA ILE B 126 -11.27 -12.18 -6.86
C ILE B 126 -12.01 -13.50 -6.84
N ALA B 127 -12.02 -14.15 -5.67
CA ALA B 127 -12.68 -15.45 -5.45
C ALA B 127 -12.77 -15.77 -4.01
N GLU B 128 -13.66 -16.69 -3.70
CA GLU B 128 -13.81 -17.30 -2.40
C GLU B 128 -12.93 -18.58 -2.47
N TYR B 129 -12.21 -18.89 -1.38
CA TYR B 129 -11.45 -20.13 -1.31
C TYR B 129 -12.48 -21.23 -0.95
N THR B 130 -12.77 -22.14 -1.91
CA THR B 130 -13.79 -23.20 -1.74
C THR B 130 -13.21 -24.62 -1.70
N GLY B 131 -14.04 -25.55 -1.26
CA GLY B 131 -13.73 -26.97 -1.15
C GLY B 131 -14.59 -27.58 -0.05
N ASP B 132 -14.28 -28.83 0.30
CA ASP B 132 -14.99 -29.54 1.36
C ASP B 132 -14.50 -29.00 2.70
N VAL B 133 -15.40 -28.71 3.63
CA VAL B 133 -14.97 -28.31 4.95
C VAL B 133 -14.90 -29.52 5.91
N ASP B 134 -13.80 -29.61 6.66
CA ASP B 134 -13.47 -30.69 7.55
C ASP B 134 -12.80 -30.17 8.79
N TYR B 135 -12.77 -30.98 9.85
CA TYR B 135 -12.09 -30.67 11.10
C TYR B 135 -10.62 -30.83 10.85
N ILE B 136 -9.78 -29.92 11.40
CA ILE B 136 -8.31 -30.03 11.27
C ILE B 136 -7.81 -31.42 11.79
N ARG B 137 -8.48 -32.00 12.80
CA ARG B 137 -8.14 -33.30 13.40
C ARG B 137 -8.38 -34.48 12.45
N ASN B 138 -9.30 -34.31 11.49
CA ASN B 138 -9.60 -35.33 10.49
C ASN B 138 -8.56 -35.34 9.37
N ARG B 139 -7.70 -34.30 9.30
CA ARG B 139 -6.71 -34.11 8.24
C ARG B 139 -5.27 -34.03 8.77
N GLU B 140 -4.99 -34.60 9.96
CA GLU B 140 -3.65 -34.62 10.57
C GLU B 140 -2.59 -35.27 9.67
N HIS B 141 -2.95 -36.37 8.97
CA HIS B 141 -2.06 -37.09 8.06
C HIS B 141 -2.20 -36.71 6.55
N ASP B 142 -3.09 -35.74 6.21
CA ASP B 142 -3.35 -35.35 4.83
C ASP B 142 -2.18 -34.65 4.09
N ASP B 143 -1.80 -35.23 2.94
CA ASP B 143 -0.76 -34.78 2.01
C ASP B 143 -1.21 -33.63 1.06
N CYS B 144 -2.51 -33.23 1.07
CA CYS B 144 -3.04 -32.14 0.19
C CYS B 144 -2.18 -30.88 0.29
N ASP B 145 -1.75 -30.34 -0.87
CA ASP B 145 -0.89 -29.15 -0.88
C ASP B 145 -1.69 -27.85 -0.81
N SER B 146 -3.05 -27.96 -0.65
CA SER B 146 -3.85 -26.76 -0.72
C SER B 146 -4.98 -26.62 0.31
N MET B 147 -4.72 -27.10 1.53
CA MET B 147 -5.65 -26.91 2.65
C MET B 147 -5.57 -25.46 3.10
N MET B 148 -6.72 -24.90 3.51
CA MET B 148 -6.86 -23.51 3.92
C MET B 148 -7.64 -23.44 5.22
N THR B 149 -7.06 -22.77 6.22
CA THR B 149 -7.72 -22.57 7.51
C THR B 149 -9.06 -21.85 7.28
N LEU B 150 -10.08 -22.32 7.97
CA LEU B 150 -11.41 -21.72 7.90
C LEU B 150 -11.72 -21.08 9.25
N LEU B 151 -11.58 -21.87 10.32
CA LEU B 151 -11.90 -21.46 11.68
C LEU B 151 -10.85 -22.00 12.67
N LEU B 152 -10.31 -21.12 13.51
CA LEU B 152 -9.32 -21.46 14.53
C LEU B 152 -9.88 -21.19 15.90
N ALA B 153 -10.40 -22.23 16.55
CA ALA B 153 -11.01 -22.12 17.86
C ALA B 153 -10.00 -22.42 18.96
N LYS B 154 -10.24 -21.95 20.20
CA LYS B 154 -9.42 -22.28 21.38
C LYS B 154 -9.31 -23.80 21.57
N ASP B 155 -10.42 -24.53 21.33
CA ASP B 155 -10.44 -25.99 21.39
C ASP B 155 -9.99 -26.48 20.00
N PRO B 156 -8.81 -27.15 19.86
CA PRO B 156 -8.35 -27.58 18.53
C PRO B 156 -9.25 -28.58 17.79
N SER B 157 -10.12 -29.30 18.51
CA SER B 157 -11.04 -30.29 17.94
C SER B 157 -12.25 -29.66 17.30
N LYS B 158 -12.39 -28.33 17.44
CA LYS B 158 -13.46 -27.55 16.81
C LYS B 158 -12.96 -26.86 15.54
N SER B 159 -11.62 -26.70 15.41
CA SER B 159 -11.02 -26.00 14.27
C SER B 159 -11.32 -26.62 12.93
N LEU B 160 -11.58 -25.77 11.94
CA LEU B 160 -11.94 -26.18 10.60
C LEU B 160 -10.95 -25.74 9.55
N VAL B 161 -10.92 -26.50 8.46
CA VAL B 161 -10.06 -26.28 7.31
C VAL B 161 -10.86 -26.58 6.03
N ILE B 162 -10.51 -25.93 4.92
CA ILE B 162 -11.12 -26.13 3.61
C ILE B 162 -10.17 -27.04 2.87
N CYS B 163 -10.71 -28.12 2.30
CA CYS B 163 -9.94 -29.12 1.58
C CYS B 163 -10.41 -29.24 0.16
N PRO B 164 -9.69 -28.62 -0.80
CA PRO B 164 -10.12 -28.71 -2.19
C PRO B 164 -9.52 -29.92 -2.93
N ASP B 165 -9.35 -31.07 -2.26
CA ASP B 165 -8.75 -32.26 -2.88
C ASP B 165 -9.67 -33.00 -3.86
N LYS B 166 -10.96 -33.00 -3.57
CA LYS B 166 -11.95 -33.65 -4.43
C LYS B 166 -12.65 -32.64 -5.33
N ARG B 167 -12.93 -31.44 -4.81
CA ARG B 167 -13.65 -30.38 -5.52
C ARG B 167 -13.16 -29.03 -5.03
N GLY B 168 -13.26 -28.03 -5.90
CA GLY B 168 -12.86 -26.67 -5.58
C GLY B 168 -12.94 -25.76 -6.78
N ASN B 169 -12.25 -24.62 -6.70
CA ASN B 169 -12.30 -23.62 -7.72
C ASN B 169 -10.89 -23.06 -8.04
N ILE B 170 -10.83 -21.88 -8.67
CA ILE B 170 -9.57 -21.23 -9.09
C ILE B 170 -8.64 -20.84 -7.93
N ALA B 171 -9.21 -20.55 -6.74
CA ALA B 171 -8.48 -20.11 -5.55
C ALA B 171 -7.34 -21.01 -5.13
N ARG B 172 -7.54 -22.33 -5.25
CA ARG B 172 -6.57 -23.35 -4.87
C ARG B 172 -5.38 -23.40 -5.82
N PHE B 173 -5.47 -22.75 -7.02
CA PHE B 173 -4.38 -22.69 -8.00
C PHE B 173 -3.53 -21.42 -7.87
N ILE B 174 -3.96 -20.44 -7.05
CA ILE B 174 -3.20 -19.19 -6.86
C ILE B 174 -1.90 -19.44 -6.08
N SER B 175 -0.78 -18.92 -6.61
CA SER B 175 0.58 -19.01 -6.02
C SER B 175 0.73 -18.17 -4.74
N GLY B 176 1.73 -18.55 -3.95
CA GLY B 176 2.09 -17.89 -2.70
C GLY B 176 3.45 -17.23 -2.81
N ILE B 177 3.74 -16.30 -1.90
CA ILE B 177 5.05 -15.64 -1.91
C ILE B 177 6.07 -16.47 -1.13
N ASN B 178 7.35 -16.24 -1.38
CA ASN B 178 8.39 -16.89 -0.59
C ASN B 178 8.50 -15.93 0.63
N ASN B 179 8.20 -16.42 1.86
CA ASN B 179 8.26 -15.64 3.11
C ASN B 179 9.66 -15.53 3.72
N HIS B 180 10.66 -16.17 3.11
CA HIS B 180 12.02 -16.20 3.63
C HIS B 180 12.94 -15.14 2.97
N THR B 181 12.47 -14.48 1.90
CA THR B 181 13.27 -13.49 1.16
C THR B 181 12.69 -12.07 1.25
N LEU B 182 13.58 -11.05 1.22
CA LEU B 182 13.23 -9.62 1.27
C LEU B 182 12.46 -9.20 0.02
N ASP B 183 12.81 -9.78 -1.16
CA ASP B 183 12.16 -9.49 -2.43
C ASP B 183 10.81 -10.21 -2.61
N GLY B 184 10.55 -11.22 -1.77
CA GLY B 184 9.35 -12.07 -1.78
C GLY B 184 8.01 -11.35 -1.72
N LYS B 185 7.87 -10.45 -0.74
CA LYS B 185 6.70 -9.60 -0.48
C LYS B 185 6.36 -8.65 -1.64
N LYS B 186 7.36 -8.28 -2.47
CA LYS B 186 7.18 -7.37 -3.61
C LYS B 186 6.26 -7.94 -4.71
N LYS B 187 6.22 -9.28 -4.86
CA LYS B 187 5.37 -9.98 -5.84
C LYS B 187 3.88 -9.99 -5.43
N GLN B 188 3.59 -9.89 -4.11
CA GLN B 188 2.23 -9.92 -3.59
C GLN B 188 1.29 -8.83 -4.17
N ASN B 189 0.19 -9.27 -4.77
CA ASN B 189 -0.78 -8.35 -5.38
C ASN B 189 -2.21 -8.66 -4.93
N CYS B 190 -2.39 -9.68 -4.07
CA CYS B 190 -3.67 -10.02 -3.48
C CYS B 190 -3.50 -10.54 -2.05
N LYS B 191 -4.58 -10.53 -1.28
CA LYS B 191 -4.58 -10.92 0.13
C LYS B 191 -5.75 -11.82 0.40
N CYS B 192 -5.51 -12.84 1.21
CA CYS B 192 -6.55 -13.74 1.62
C CYS B 192 -6.98 -13.30 3.02
N VAL B 193 -8.29 -13.14 3.22
CA VAL B 193 -8.88 -12.66 4.48
C VAL B 193 -10.01 -13.58 4.87
N ARG B 194 -10.33 -13.62 6.18
CA ARG B 194 -11.47 -14.37 6.69
C ARG B 194 -12.46 -13.44 7.32
N TYR B 195 -13.72 -13.55 6.91
CA TYR B 195 -14.78 -12.71 7.41
C TYR B 195 -15.97 -13.54 7.86
N SER B 196 -16.67 -13.01 8.84
CA SER B 196 -17.88 -13.59 9.35
C SER B 196 -19.01 -13.08 8.44
N VAL B 197 -19.72 -14.01 7.78
CA VAL B 197 -20.83 -13.70 6.89
C VAL B 197 -22.01 -14.46 7.40
N ASN B 198 -23.00 -13.74 7.94
CA ASN B 198 -24.20 -14.33 8.53
C ASN B 198 -23.84 -15.36 9.63
N GLY B 199 -22.79 -15.04 10.37
CA GLY B 199 -22.30 -15.87 11.48
C GLY B 199 -21.36 -16.99 11.13
N GLU B 200 -21.05 -17.18 9.84
CA GLU B 200 -20.16 -18.26 9.41
C GLU B 200 -18.83 -17.73 8.93
N CYS B 201 -17.74 -18.47 9.15
CA CYS B 201 -16.41 -18.06 8.64
C CYS B 201 -16.44 -18.26 7.14
N ARG B 202 -15.80 -17.35 6.42
CA ARG B 202 -15.66 -17.37 4.96
C ARG B 202 -14.24 -16.88 4.60
N VAL B 203 -13.63 -17.46 3.55
CA VAL B 203 -12.24 -17.14 3.15
C VAL B 203 -12.29 -16.54 1.74
N PHE B 204 -11.87 -15.26 1.59
CA PHE B 204 -11.93 -14.54 0.33
C PHE B 204 -10.60 -14.00 -0.12
N LEU B 205 -10.43 -13.85 -1.43
CA LEU B 205 -9.22 -13.25 -2.01
C LEU B 205 -9.58 -11.91 -2.61
N VAL B 206 -8.82 -10.89 -2.23
CA VAL B 206 -9.05 -9.50 -2.65
C VAL B 206 -7.76 -8.93 -3.21
N ALA B 207 -7.83 -8.21 -4.37
CA ALA B 207 -6.65 -7.52 -4.96
C ALA B 207 -6.19 -6.42 -4.00
N THR B 208 -4.88 -6.28 -3.82
CA THR B 208 -4.37 -5.26 -2.90
C THR B 208 -3.67 -4.15 -3.64
N ARG B 209 -3.66 -4.22 -4.97
CA ARG B 209 -3.12 -3.20 -5.87
C ARG B 209 -3.79 -3.43 -7.22
N ASP B 210 -3.61 -2.49 -8.17
CA ASP B 210 -4.16 -2.65 -9.52
C ASP B 210 -3.30 -3.69 -10.20
N ILE B 211 -3.92 -4.73 -10.72
CA ILE B 211 -3.26 -5.84 -11.38
C ILE B 211 -3.50 -5.70 -12.90
N ALA B 212 -2.42 -5.68 -13.68
CA ALA B 212 -2.50 -5.58 -15.13
C ALA B 212 -2.77 -6.96 -15.73
N LYS B 213 -3.25 -7.00 -16.99
CA LYS B 213 -3.47 -8.22 -17.79
C LYS B 213 -2.10 -8.89 -17.92
N GLY B 214 -2.04 -10.21 -17.67
CA GLY B 214 -0.79 -10.96 -17.79
C GLY B 214 0.00 -11.11 -16.50
N GLU B 215 -0.32 -10.28 -15.49
CA GLU B 215 0.32 -10.32 -14.17
C GLU B 215 -0.13 -11.59 -13.40
N ARG B 216 0.84 -12.34 -12.85
CA ARG B 216 0.54 -13.54 -12.06
C ARG B 216 0.04 -13.12 -10.67
N LEU B 217 -0.97 -13.83 -10.13
CA LEU B 217 -1.50 -13.56 -8.80
C LEU B 217 -0.62 -14.25 -7.73
N TYR B 218 -0.28 -13.51 -6.66
CA TYR B 218 0.48 -13.99 -5.49
C TYR B 218 -0.10 -13.40 -4.21
N TYR B 219 -0.35 -14.25 -3.22
CA TYR B 219 -0.79 -13.86 -1.89
C TYR B 219 0.13 -14.50 -0.87
N ASP B 220 -0.07 -14.20 0.41
CA ASP B 220 0.79 -14.78 1.43
C ASP B 220 0.10 -16.04 1.99
N TYR B 221 0.70 -17.24 1.77
CA TYR B 221 0.13 -18.50 2.31
C TYR B 221 0.19 -18.55 3.85
N ASN B 222 1.10 -17.77 4.47
CA ASN B 222 1.29 -17.71 5.91
C ASN B 222 0.81 -16.37 6.50
N GLY B 223 -0.45 -16.06 6.23
CA GLY B 223 -1.10 -14.82 6.61
C GLY B 223 -1.51 -14.70 8.07
N TYR B 224 -1.55 -15.81 8.78
CA TYR B 224 -1.91 -15.84 10.20
C TYR B 224 -1.04 -16.86 10.96
N GLU B 225 -1.14 -18.15 10.62
CA GLU B 225 -0.29 -19.21 11.17
C GLU B 225 0.89 -19.25 10.20
N HIS B 226 1.87 -20.10 10.50
CA HIS B 226 3.04 -20.29 9.67
C HIS B 226 3.18 -21.78 9.35
N GLU B 227 2.07 -22.40 8.94
CA GLU B 227 1.96 -23.84 8.63
C GLU B 227 2.26 -24.24 7.18
N TYR B 228 2.69 -23.29 6.35
CA TYR B 228 3.04 -23.58 4.96
C TYR B 228 4.53 -23.37 4.68
N PRO B 229 5.30 -24.43 4.35
CA PRO B 229 6.73 -24.23 4.01
C PRO B 229 6.91 -23.51 2.65
N THR B 230 7.64 -22.42 2.65
CA THR B 230 7.79 -21.66 1.43
C THR B 230 9.21 -21.31 0.98
N GLN B 231 10.23 -21.82 1.65
CA GLN B 231 11.58 -21.34 1.41
C GLN B 231 12.08 -21.59 0.00
N HIS B 232 11.51 -22.53 -0.70
CA HIS B 232 11.94 -22.88 -2.03
C HIS B 232 11.13 -22.21 -3.11
N PHE B 233 10.20 -21.37 -2.71
CA PHE B 233 9.26 -20.77 -3.62
C PHE B 233 9.93 -19.77 -4.56
N VAL B 234 9.27 -19.59 -5.69
CA VAL B 234 9.41 -18.54 -6.67
C VAL B 234 10.45 -18.84 -7.72
N LYS C 6 -6.55 21.22 -13.51
CA LYS C 6 -6.22 22.62 -13.35
C LYS C 6 -4.87 22.80 -12.66
N ALA C 7 -4.34 21.71 -12.12
CA ALA C 7 -3.04 21.74 -11.41
C ALA C 7 -2.81 22.60 -10.14
N ALA C 8 -2.78 21.90 -9.02
CA ALA C 8 -2.51 22.48 -7.72
C ALA C 8 -1.10 22.18 -7.34
N ARG C 9 -0.37 23.18 -6.93
CA ARG C 9 1.06 23.00 -6.70
C ARG C 9 1.46 23.65 -5.41
N LYS C 10 2.19 22.89 -4.57
CA LYS C 10 2.76 23.42 -3.33
C LYS C 10 4.02 24.21 -3.74
N SER C 11 4.39 25.26 -3.00
CA SER C 11 5.56 26.06 -3.38
C SER C 11 6.28 26.58 -2.16
N ALA C 12 7.60 26.76 -2.28
CA ALA C 12 8.44 27.18 -1.18
C ALA C 12 9.42 28.24 -1.65
N PRO C 13 9.82 29.19 -0.77
CA PRO C 13 10.76 30.24 -1.21
C PRO C 13 12.17 29.67 -1.47
N ALA C 14 12.93 30.35 -2.34
CA ALA C 14 14.31 30.00 -2.71
C ALA C 14 15.32 30.93 -2.02
N THR C 15 14.83 31.91 -1.21
CA THR C 15 15.63 32.89 -0.45
C THR C 15 14.99 33.10 0.93
N GLY C 16 15.70 33.78 1.83
CA GLY C 16 15.21 34.12 3.16
C GLY C 16 15.51 33.13 4.27
N GLY C 17 16.10 31.98 3.94
CA GLY C 17 16.42 30.95 4.92
C GLY C 17 15.21 30.35 5.62
N VAL C 18 15.44 29.72 6.79
CA VAL C 18 14.38 29.10 7.58
C VAL C 18 13.72 30.14 8.53
N LYS C 19 14.51 30.68 9.49
CA LYS C 19 14.07 31.67 10.50
C LYS C 19 14.63 33.07 10.23
N ALA D 7 0.94 -31.90 8.35
CA ALA D 7 0.20 -31.29 7.24
C ALA D 7 0.55 -29.84 6.98
N ALA D 8 0.47 -29.41 5.71
CA ALA D 8 0.75 -28.02 5.29
C ALA D 8 -0.60 -27.31 5.16
N ARG D 9 -0.68 -26.13 5.70
CA ARG D 9 -1.92 -25.40 5.71
C ARG D 9 -1.68 -23.98 5.39
N LYS D 10 -2.43 -23.46 4.40
CA LYS D 10 -2.43 -22.04 4.09
C LYS D 10 -3.33 -21.39 5.17
N SER D 11 -3.02 -20.17 5.58
CA SER D 11 -3.84 -19.49 6.62
C SER D 11 -3.99 -18.03 6.33
N ALA D 12 -5.07 -17.46 6.82
CA ALA D 12 -5.40 -16.07 6.62
C ALA D 12 -5.86 -15.43 7.92
N PRO D 13 -5.60 -14.11 8.12
CA PRO D 13 -6.05 -13.45 9.36
C PRO D 13 -7.58 -13.27 9.39
N ALA D 14 -8.13 -13.16 10.59
CA ALA D 14 -9.54 -12.98 10.86
C ALA D 14 -9.81 -11.54 11.35
N THR D 15 -8.75 -10.70 11.42
CA THR D 15 -8.84 -9.29 11.85
C THR D 15 -7.95 -8.42 10.94
N GLY D 16 -8.12 -7.10 11.03
CA GLY D 16 -7.26 -6.14 10.34
C GLY D 16 -7.64 -5.73 8.93
N GLY D 17 -8.74 -6.29 8.43
CA GLY D 17 -9.28 -5.99 7.09
C GLY D 17 -8.35 -6.36 5.95
N VAL D 18 -8.52 -5.68 4.81
CA VAL D 18 -7.72 -5.89 3.60
C VAL D 18 -6.51 -4.95 3.64
N SAH E . -3.80 14.23 2.96
CA SAH E . -2.95 13.73 1.87
CB SAH E . -1.44 14.09 1.96
CG SAH E . -1.12 15.58 1.84
SD SAH E . -1.28 16.07 0.10
C SAH E . -3.12 12.22 1.58
O SAH E . -2.33 11.65 0.80
OXT SAH E . -4.14 11.64 2.16
C5' SAH E . -2.45 17.45 0.18
C4' SAH E . -3.92 17.12 0.43
O4' SAH E . -4.09 16.80 1.82
C3' SAH E . -4.89 18.26 0.18
O3' SAH E . -5.31 18.39 -1.17
C2' SAH E . -6.06 17.92 1.11
O2' SAH E . -6.97 16.95 0.59
C1' SAH E . -5.30 17.33 2.31
N9 SAH E . -5.00 18.30 3.37
C8 SAH E . -3.78 18.85 3.68
N7 SAH E . -3.83 19.75 4.63
C5 SAH E . -5.18 19.79 4.98
C6 SAH E . -5.88 20.48 5.99
N6 SAH E . -5.30 21.36 6.83
N1 SAH E . -7.21 20.27 6.09
C2 SAH E . -7.79 19.42 5.24
N3 SAH E . -7.24 18.69 4.26
C4 SAH E . -5.91 18.91 4.20
S DMS F . 10.63 2.66 4.17
O DMS F . 11.55 1.54 4.40
C1 DMS F . 9.05 2.12 4.72
C2 DMS F . 11.01 3.83 5.44
N SAH G . 0.87 -24.98 -8.12
CA SAH G . -0.30 -25.67 -7.59
CB SAH G . -1.46 -24.77 -7.05
CG SAH G . -1.08 -23.96 -5.81
SD SAH G . -1.12 -24.99 -4.29
C SAH G . -0.80 -26.82 -8.49
O SAH G . -1.83 -27.46 -8.19
OXT SAH G . -0.03 -27.07 -9.53
C5' SAH G . 0.49 -24.66 -3.52
C4' SAH G . 1.62 -25.32 -4.28
O4' SAH G . 1.94 -24.59 -5.48
C3' SAH G . 2.92 -25.34 -3.46
O3' SAH G . 3.00 -26.52 -2.68
C2' SAH G . 3.99 -25.32 -4.55
O2' SAH G . 4.30 -26.62 -5.04
C1' SAH G . 3.34 -24.43 -5.61
N9 SAH G . 3.67 -23.01 -5.48
C8 SAH G . 2.86 -22.00 -5.02
N7 SAH G . 3.43 -20.82 -4.99
C5 SAH G . 4.71 -21.07 -5.46
C6 SAH G . 5.82 -20.23 -5.67
N6 SAH G . 5.85 -18.93 -5.35
N1 SAH G . 6.96 -20.80 -6.13
C2 SAH G . 6.99 -22.12 -6.33
N3 SAH G . 6.00 -23.00 -6.17
C4 SAH G . 4.87 -22.41 -5.74
C1 BME H . -10.75 -18.78 -14.63
C2 BME H . -12.26 -18.59 -14.42
O1 BME H . -10.67 -19.77 -15.65
S2 BME H . -12.44 -17.28 -13.17
#